data_7ADM
#
_entry.id   7ADM
#
_cell.length_a   1.00
_cell.length_b   1.00
_cell.length_c   1.00
_cell.angle_alpha   90.00
_cell.angle_beta   90.00
_cell.angle_gamma   90.00
#
_symmetry.space_group_name_H-M   'P 1'
#
_entity_poly.entity_id   1
_entity_poly.type   'polypeptide(L)'
_entity_poly.pdbx_seq_one_letter_code
;VYFLKKKKNKILTIALVASLAASVSFGSVLYYSFSDNHISFDTSSNGITDAELAPINNAINDAIVSNRDNKLKPSEEKII
KETEKKIEEKIIIPPAKKEEKIEAAKPIPKPVVRKPETKITSPKITRRKQTITIAGIEVEAEIEGPPGFVTHQRDKDRKI
SNPTKPYQNHTVNKILSVKVTDKLKEQVAKDALSGGNGYDEGVGLFNNSIFNVFKEEFNSGKELNDILSSLESVARQNSG
AFQNTLERYKKMLDSNNVINFLKSEAQKEYPKLKSKFQTKNQEYIWLIANLDQSKFTKIASTSEKYLEKGLTISPRSAFI
NEAGEIDSNGWGPPDEYNTVTSRLRRDNSEYRVFDYDEYYSRSSDRIANGTYPGWVKEDVSEPYSKKYNFKASDGIRFSK
LERINPNPAKGKLNSGLVLDLDVSNDEAYRRSKELIEKLQKDGEQITSYRIKNMGEKNSDQAFKDILGALPKDIQQLELF
FSDKATNTASLIALENKNIKELSLYTSGNSLKKAWSYNPLALRNTTWINTIDYNVSAEYSSHDKITTRITFNTLAFDQED
FSNGSYERINDGLRMVYYARNNEPFFQGGHGPGLEPDKKLGQNSYPTGLDFSRVTGIKSLKGLRFDDDLDTSNEPRKITE
LTLYNNESYFEISSDELNEANLQHLSTGEGNPEKPKIHFSNGNNTTSIRISGKTLLSDEGRRNLDKYFEYNESLRNSGKQ
IQIPNGSDELKKQLEGWGYKVSTASDRSFT
;
_entity_poly.pdbx_strand_id   C
#
# COMPACT_ATOMS: atom_id res chain seq x y z
N ARG A 128 -25.47 -8.42 -23.19
CA ARG A 128 -24.89 -7.06 -23.24
C ARG A 128 -26.03 -6.03 -23.19
N LYS A 129 -25.77 -4.78 -22.78
CA LYS A 129 -26.76 -3.70 -22.55
C LYS A 129 -27.86 -4.04 -21.55
N GLN A 130 -27.49 -4.63 -20.44
CA GLN A 130 -28.36 -4.83 -19.29
C GLN A 130 -28.66 -3.53 -18.52
N THR A 131 -29.68 -3.59 -17.66
CA THR A 131 -30.11 -2.50 -16.76
C THR A 131 -29.64 -2.73 -15.33
N ILE A 132 -29.14 -1.67 -14.67
CA ILE A 132 -28.60 -1.72 -13.30
C ILE A 132 -29.14 -0.56 -12.46
N THR A 133 -29.41 -0.78 -11.18
CA THR A 133 -29.84 0.27 -10.24
C THR A 133 -28.63 1.06 -9.73
N ILE A 134 -28.27 2.18 -10.37
CA ILE A 134 -27.12 3.02 -9.95
C ILE A 134 -27.38 3.70 -8.61
N ALA A 135 -28.53 4.41 -8.49
CA ALA A 135 -28.94 5.11 -7.27
C ALA A 135 -30.42 4.84 -6.96
N GLY A 136 -30.73 3.62 -6.51
CA GLY A 136 -32.11 3.16 -6.29
C GLY A 136 -33.02 3.15 -7.53
N ILE A 137 -32.50 3.51 -8.70
CA ILE A 137 -33.25 3.77 -9.93
C ILE A 137 -32.60 2.99 -11.07
N GLU A 138 -33.38 2.18 -11.78
CA GLU A 138 -32.91 1.35 -12.88
C GLU A 138 -32.54 2.19 -14.11
N VAL A 139 -31.35 1.96 -14.65
CA VAL A 139 -30.84 2.63 -15.86
C VAL A 139 -30.07 1.68 -16.75
N GLU A 140 -30.19 1.91 -18.05
CA GLU A 140 -29.54 1.13 -19.10
C GLU A 140 -28.04 1.45 -19.16
N ALA A 141 -27.17 0.44 -19.18
CA ALA A 141 -25.73 0.67 -19.11
C ALA A 141 -24.89 -0.27 -19.96
N GLU A 142 -23.80 0.25 -20.49
CA GLU A 142 -22.72 -0.46 -21.16
C GLU A 142 -21.80 -1.13 -20.12
N ILE A 143 -22.35 -2.11 -19.38
CA ILE A 143 -21.58 -3.03 -18.52
C ILE A 143 -20.73 -3.94 -19.40
N GLU A 144 -19.42 -4.04 -19.14
CA GLU A 144 -18.44 -4.75 -19.96
C GLU A 144 -17.72 -5.86 -19.18
N GLY A 145 -17.27 -6.91 -19.85
CA GLY A 145 -16.65 -8.07 -19.22
C GLY A 145 -15.39 -7.72 -18.41
N PRO A 146 -15.18 -8.29 -17.21
CA PRO A 146 -13.97 -8.10 -16.42
C PRO A 146 -12.78 -8.83 -17.07
N PRO A 147 -11.59 -8.23 -17.26
CA PRO A 147 -10.48 -8.90 -17.93
C PRO A 147 -9.99 -10.19 -17.25
N GLY A 148 -9.53 -11.15 -18.05
CA GLY A 148 -8.85 -12.37 -17.61
C GLY A 148 -7.33 -12.21 -17.56
N PHE A 149 -6.67 -12.63 -16.48
CA PHE A 149 -5.21 -12.53 -16.37
C PHE A 149 -4.48 -13.62 -17.16
N VAL A 150 -4.04 -13.32 -18.38
CA VAL A 150 -3.33 -14.28 -19.24
C VAL A 150 -2.00 -14.73 -18.63
N THR A 151 -1.93 -16.01 -18.27
CA THR A 151 -0.76 -16.68 -17.69
C THR A 151 -0.10 -17.56 -18.75
N HIS A 152 1.14 -17.27 -19.12
CA HIS A 152 1.83 -17.98 -20.21
C HIS A 152 2.49 -19.27 -19.73
N GLN A 153 2.75 -20.22 -20.63
CA GLN A 153 3.46 -21.46 -20.25
C GLN A 153 4.86 -21.18 -19.72
N ARG A 154 5.58 -20.16 -20.19
CA ARG A 154 6.84 -19.73 -19.54
C ARG A 154 6.67 -19.44 -18.04
N ASP A 155 5.55 -18.86 -17.62
CA ASP A 155 5.28 -18.58 -16.20
C ASP A 155 5.11 -19.87 -15.40
N LYS A 156 4.42 -20.87 -15.97
CA LYS A 156 4.14 -22.17 -15.36
C LYS A 156 5.37 -23.09 -15.35
N ASP A 157 6.14 -23.12 -16.43
CA ASP A 157 7.29 -23.99 -16.66
C ASP A 157 8.58 -23.48 -15.98
N ARG A 158 8.77 -22.17 -15.81
CA ARG A 158 9.83 -21.57 -14.97
C ARG A 158 9.50 -21.58 -13.47
N LYS A 159 8.35 -22.15 -13.06
CA LYS A 159 7.92 -22.22 -11.66
C LYS A 159 7.79 -20.83 -11.01
N ILE A 160 7.17 -19.88 -11.71
CA ILE A 160 7.20 -18.44 -11.36
C ILE A 160 5.85 -17.73 -11.43
N SER A 161 4.81 -18.38 -11.95
CA SER A 161 3.42 -18.00 -11.69
C SER A 161 3.11 -18.14 -10.19
N ASN A 162 2.06 -17.51 -9.70
CA ASN A 162 1.42 -17.95 -8.45
C ASN A 162 1.06 -19.46 -8.56
N PRO A 163 1.30 -20.30 -7.54
CA PRO A 163 1.32 -21.75 -7.70
C PRO A 163 -0.03 -22.44 -7.90
N THR A 164 -1.13 -21.91 -7.37
CA THR A 164 -2.44 -22.57 -7.39
C THR A 164 -3.59 -21.58 -7.46
N LYS A 165 -4.47 -21.75 -8.46
CA LYS A 165 -5.63 -20.87 -8.78
C LYS A 165 -5.18 -19.39 -8.93
N PRO A 166 -4.65 -18.99 -10.10
CA PRO A 166 -4.11 -17.66 -10.33
C PRO A 166 -5.01 -16.53 -9.85
N TYR A 167 -4.44 -15.66 -9.03
CA TYR A 167 -5.12 -14.51 -8.45
C TYR A 167 -5.58 -13.53 -9.54
N GLN A 168 -6.72 -12.89 -9.34
CA GLN A 168 -7.32 -11.94 -10.29
C GLN A 168 -7.83 -10.70 -9.59
N ASN A 169 -7.55 -9.52 -10.14
CA ASN A 169 -7.74 -8.27 -9.41
C ASN A 169 -9.18 -7.73 -9.51
N HIS A 170 -9.70 -7.50 -10.72
CA HIS A 170 -11.08 -7.07 -10.95
C HIS A 170 -12.06 -8.24 -10.95
N THR A 171 -12.54 -8.60 -9.76
CA THR A 171 -13.54 -9.67 -9.56
C THR A 171 -14.95 -9.32 -10.06
N VAL A 172 -15.18 -8.08 -10.53
CA VAL A 172 -16.49 -7.54 -10.93
C VAL A 172 -16.32 -6.52 -12.04
N ASN A 173 -17.39 -6.30 -12.79
CA ASN A 173 -17.40 -5.51 -14.02
C ASN A 173 -17.06 -4.03 -13.84
N LYS A 174 -16.43 -3.44 -14.87
CA LYS A 174 -16.37 -2.00 -15.10
C LYS A 174 -17.69 -1.54 -15.73
N ILE A 175 -17.93 -0.23 -15.81
CA ILE A 175 -19.02 0.35 -16.60
C ILE A 175 -18.41 1.30 -17.65
N LEU A 176 -18.67 1.10 -18.94
CA LEU A 176 -18.14 1.96 -19.99
C LEU A 176 -18.88 3.31 -20.03
N SER A 177 -20.22 3.27 -20.08
CA SER A 177 -21.10 4.40 -19.79
C SER A 177 -22.49 3.97 -19.33
N VAL A 178 -23.12 4.79 -18.48
CA VAL A 178 -24.55 4.69 -18.17
C VAL A 178 -25.29 5.69 -19.04
N LYS A 179 -26.34 5.25 -19.74
CA LYS A 179 -27.25 6.16 -20.45
C LYS A 179 -28.13 6.90 -19.43
N VAL A 180 -27.62 8.01 -18.91
CA VAL A 180 -28.28 8.80 -17.85
C VAL A 180 -29.66 9.32 -18.27
N THR A 181 -30.51 9.66 -17.31
CA THR A 181 -31.83 10.27 -17.51
C THR A 181 -32.15 11.19 -16.32
N ASP A 182 -32.94 12.25 -16.50
CA ASP A 182 -33.30 13.26 -15.48
C ASP A 182 -33.74 12.61 -14.15
N LYS A 183 -34.54 11.55 -14.23
CA LYS A 183 -34.98 10.69 -13.14
C LYS A 183 -33.84 10.18 -12.23
N LEU A 184 -32.65 9.86 -12.77
CA LEU A 184 -31.47 9.50 -11.98
C LEU A 184 -30.66 10.71 -11.50
N LYS A 185 -30.37 11.69 -12.35
CA LYS A 185 -29.53 12.83 -11.92
C LYS A 185 -30.22 13.73 -10.89
N GLU A 186 -31.54 13.71 -10.81
CA GLU A 186 -32.31 14.23 -9.68
C GLU A 186 -31.98 13.48 -8.38
N GLN A 187 -32.05 12.15 -8.39
CA GLN A 187 -31.79 11.34 -7.19
C GLN A 187 -30.36 11.49 -6.68
N VAL A 188 -29.38 11.69 -7.56
CA VAL A 188 -28.00 11.95 -7.14
C VAL A 188 -27.90 13.24 -6.33
N ALA A 189 -28.68 14.28 -6.64
CA ALA A 189 -28.79 15.47 -5.81
C ALA A 189 -29.55 15.21 -4.50
N LYS A 190 -30.70 14.53 -4.53
CA LYS A 190 -31.44 14.15 -3.31
C LYS A 190 -30.57 13.35 -2.34
N ASP A 191 -29.73 12.44 -2.85
CA ASP A 191 -28.74 11.72 -2.07
C ASP A 191 -27.66 12.67 -1.52
N ALA A 192 -27.04 13.51 -2.34
CA ALA A 192 -26.01 14.43 -1.87
C ALA A 192 -26.49 15.41 -0.78
N LEU A 193 -27.78 15.76 -0.81
CA LEU A 193 -28.43 16.62 0.17
C LEU A 193 -28.79 15.86 1.46
N SER A 194 -29.43 14.71 1.35
CA SER A 194 -29.94 13.94 2.49
C SER A 194 -28.89 13.05 3.17
N GLY A 195 -27.71 12.88 2.57
CA GLY A 195 -26.78 11.82 2.97
C GLY A 195 -27.07 10.45 2.33
N GLY A 196 -27.91 10.38 1.30
CA GLY A 196 -28.36 9.12 0.73
C GLY A 196 -29.11 8.26 1.76
N ASN A 197 -28.79 6.97 1.80
CA ASN A 197 -29.30 6.00 2.79
C ASN A 197 -28.33 4.82 3.07
N GLY A 198 -27.04 5.02 2.76
CA GLY A 198 -25.92 4.10 2.99
C GLY A 198 -24.92 4.65 4.01
N TYR A 199 -23.63 4.41 3.79
CA TYR A 199 -22.56 4.80 4.72
C TYR A 199 -22.52 6.32 5.03
N ASP A 200 -22.89 7.17 4.08
CA ASP A 200 -22.86 8.63 4.24
C ASP A 200 -24.13 9.20 4.89
N GLU A 201 -25.10 8.37 5.30
CA GLU A 201 -26.36 8.84 5.89
C GLU A 201 -26.15 9.43 7.28
N GLY A 202 -25.65 10.64 7.31
CA GLY A 202 -25.26 11.35 8.52
C GLY A 202 -24.17 12.39 8.32
N VAL A 203 -23.56 12.48 7.13
CA VAL A 203 -22.59 13.54 6.76
C VAL A 203 -22.93 14.15 5.39
N GLY A 204 -24.16 13.98 4.92
CA GLY A 204 -24.66 14.67 3.74
C GLY A 204 -24.71 16.18 3.91
N LEU A 205 -24.89 16.90 2.81
CA LEU A 205 -24.75 18.35 2.77
C LEU A 205 -25.73 19.13 3.68
N PHE A 206 -26.95 18.64 3.97
CA PHE A 206 -27.90 19.32 4.87
C PHE A 206 -28.40 18.48 6.05
N ASN A 207 -27.72 17.37 6.36
CA ASN A 207 -27.81 16.73 7.67
C ASN A 207 -26.47 16.10 8.04
N ASN A 208 -25.41 16.91 8.06
CA ASN A 208 -24.15 16.60 8.77
C ASN A 208 -24.18 17.05 10.23
N SER A 209 -23.16 16.68 11.00
CA SER A 209 -23.07 16.94 12.43
C SER A 209 -23.07 18.42 12.81
N ILE A 210 -22.31 19.26 12.12
CA ILE A 210 -22.23 20.71 12.40
C ILE A 210 -23.54 21.39 12.05
N PHE A 211 -24.10 21.08 10.89
CA PHE A 211 -25.35 21.68 10.44
C PHE A 211 -26.55 21.32 11.31
N ASN A 212 -26.57 20.12 11.93
CA ASN A 212 -27.56 19.75 12.92
C ASN A 212 -27.40 20.47 14.26
N VAL A 213 -26.19 20.87 14.66
CA VAL A 213 -25.99 21.69 15.87
C VAL A 213 -26.54 23.10 15.69
N PHE A 214 -26.43 23.68 14.50
CA PHE A 214 -27.07 24.96 14.20
C PHE A 214 -28.58 24.83 14.04
N LYS A 215 -29.06 23.92 13.19
CA LYS A 215 -30.51 23.76 12.96
C LYS A 215 -31.26 23.38 14.23
N GLU A 216 -30.64 22.72 15.20
CA GLU A 216 -31.25 22.46 16.53
C GLU A 216 -31.38 23.75 17.36
N GLU A 217 -30.31 24.52 17.47
CA GLU A 217 -30.27 25.71 18.31
C GLU A 217 -31.19 26.81 17.76
N PHE A 218 -31.26 26.97 16.44
CA PHE A 218 -32.13 27.96 15.78
C PHE A 218 -33.63 27.67 15.95
N ASN A 219 -34.01 26.44 16.30
CA ASN A 219 -35.37 26.05 16.70
C ASN A 219 -35.69 26.32 18.19
N SER A 220 -34.70 26.59 19.03
CA SER A 220 -34.92 27.16 20.37
C SER A 220 -35.41 28.60 20.25
N GLY A 221 -36.29 29.07 21.13
CA GLY A 221 -37.05 30.31 20.95
C GLY A 221 -36.30 31.63 21.12
N LYS A 222 -35.02 31.58 21.46
CA LYS A 222 -34.17 32.74 21.76
C LYS A 222 -34.16 33.77 20.63
N GLU A 223 -34.05 35.04 20.98
CA GLU A 223 -33.94 36.17 20.09
C GLU A 223 -32.73 36.07 19.15
N LEU A 224 -32.76 36.81 18.04
CA LEU A 224 -31.76 36.80 16.98
C LEU A 224 -30.31 37.12 17.42
N ASN A 225 -30.10 37.62 18.64
CA ASN A 225 -28.75 37.79 19.20
C ASN A 225 -28.06 36.44 19.52
N ASP A 226 -28.79 35.32 19.52
CA ASP A 226 -28.26 34.01 19.94
C ASP A 226 -27.15 33.42 19.05
N ILE A 227 -26.82 34.02 17.90
CA ILE A 227 -25.72 33.58 17.04
C ILE A 227 -24.40 33.49 17.82
N LEU A 228 -24.22 34.30 18.87
CA LEU A 228 -23.11 34.18 19.82
C LEU A 228 -23.00 32.79 20.46
N SER A 229 -24.12 32.14 20.78
CA SER A 229 -24.11 30.79 21.34
C SER A 229 -23.70 29.73 20.33
N SER A 230 -23.83 30.01 19.04
CA SER A 230 -23.24 29.19 17.97
C SER A 230 -21.80 29.59 17.66
N LEU A 231 -21.41 30.84 17.89
CA LEU A 231 -20.01 31.27 17.79
C LEU A 231 -19.15 30.56 18.83
N GLU A 232 -19.63 30.43 20.07
CA GLU A 232 -18.98 29.64 21.13
C GLU A 232 -18.96 28.12 20.84
N SER A 233 -19.56 27.71 19.71
CA SER A 233 -19.59 26.35 19.16
C SER A 233 -18.92 26.23 17.78
N VAL A 234 -18.15 27.22 17.32
CA VAL A 234 -17.29 27.12 16.12
C VAL A 234 -15.85 27.56 16.32
N ALA A 235 -15.51 28.07 17.50
CA ALA A 235 -14.14 28.15 17.95
C ALA A 235 -13.94 27.00 18.96
N ARG A 236 -12.98 27.15 19.89
CA ARG A 236 -12.84 26.23 21.04
C ARG A 236 -12.68 24.78 20.57
N GLN A 237 -13.25 23.81 21.27
CA GLN A 237 -13.06 22.38 20.96
C GLN A 237 -13.61 21.97 19.58
N ASN A 238 -14.59 22.68 19.03
CA ASN A 238 -15.16 22.44 17.69
C ASN A 238 -14.36 23.08 16.54
N SER A 239 -13.29 23.84 16.81
CA SER A 239 -12.59 24.64 15.79
C SER A 239 -12.13 23.85 14.56
N GLY A 240 -11.69 22.60 14.74
CA GLY A 240 -11.28 21.72 13.65
C GLY A 240 -12.44 21.19 12.80
N ALA A 241 -13.62 21.00 13.35
CA ALA A 241 -14.79 20.44 12.66
C ALA A 241 -15.63 21.48 11.91
N PHE A 242 -15.77 22.70 12.42
CA PHE A 242 -16.47 23.75 11.67
C PHE A 242 -15.66 24.23 10.47
N GLN A 243 -14.35 24.45 10.58
CA GLN A 243 -13.57 25.02 9.47
C GLN A 243 -13.63 24.17 8.20
N ASN A 244 -13.63 22.84 8.29
CA ASN A 244 -13.75 21.98 7.11
C ASN A 244 -15.20 21.74 6.67
N THR A 245 -16.19 21.87 7.56
CA THR A 245 -17.61 21.72 7.19
C THR A 245 -18.19 23.03 6.63
N LEU A 246 -17.71 24.18 7.08
CA LEU A 246 -18.02 25.50 6.51
C LEU A 246 -17.60 25.57 5.04
N GLU A 247 -16.43 25.05 4.70
CA GLU A 247 -15.86 25.10 3.36
C GLU A 247 -16.74 24.39 2.31
N ARG A 248 -17.64 23.49 2.73
CA ARG A 248 -18.64 22.84 1.85
C ARG A 248 -19.69 23.81 1.32
N TYR A 249 -19.96 24.85 2.09
CA TYR A 249 -20.85 25.94 1.72
C TYR A 249 -20.07 27.13 1.18
N LYS A 250 -18.91 27.48 1.76
CA LYS A 250 -18.16 28.72 1.48
C LYS A 250 -17.77 28.90 0.01
N LYS A 251 -17.68 27.82 -0.77
CA LYS A 251 -17.51 27.85 -2.24
C LYS A 251 -18.74 28.38 -3.01
N MET A 252 -19.82 28.72 -2.33
CA MET A 252 -21.03 29.41 -2.83
C MET A 252 -21.49 30.53 -1.91
N LEU A 253 -21.33 30.37 -0.59
CA LEU A 253 -21.90 31.23 0.45
C LEU A 253 -21.26 32.63 0.56
N ASP A 254 -20.19 32.89 -0.17
CA ASP A 254 -19.41 34.14 -0.14
C ASP A 254 -20.22 35.34 -0.68
N SER A 255 -19.69 36.56 -0.58
CA SER A 255 -20.43 37.78 -0.89
C SER A 255 -20.71 37.92 -2.40
N ASN A 256 -21.90 37.50 -2.83
CA ASN A 256 -22.35 37.47 -4.22
C ASN A 256 -23.87 37.70 -4.33
N ASN A 257 -24.32 38.12 -5.51
CA ASN A 257 -25.73 38.40 -5.76
C ASN A 257 -26.61 37.13 -5.87
N VAL A 258 -26.02 35.94 -6.05
CA VAL A 258 -26.74 34.68 -6.34
C VAL A 258 -27.31 34.01 -5.09
N ILE A 259 -26.67 34.16 -3.91
CA ILE A 259 -27.07 33.49 -2.67
C ILE A 259 -28.50 33.81 -2.20
N ASN A 260 -29.00 35.02 -2.44
CA ASN A 260 -30.28 35.46 -1.85
C ASN A 260 -31.48 34.67 -2.39
N PHE A 261 -31.35 33.96 -3.52
CA PHE A 261 -32.37 33.03 -4.05
C PHE A 261 -32.46 31.69 -3.29
N LEU A 262 -31.41 31.32 -2.54
CA LEU A 262 -31.23 29.99 -1.95
C LEU A 262 -31.48 29.95 -0.44
N LYS A 263 -32.03 31.02 0.17
CA LYS A 263 -32.54 30.99 1.54
C LYS A 263 -34.02 30.63 1.61
N SER A 264 -34.43 29.91 2.67
CA SER A 264 -35.74 29.24 2.78
C SER A 264 -36.93 30.18 2.59
N GLU A 265 -36.99 31.24 3.38
CA GLU A 265 -37.93 32.37 3.21
C GLU A 265 -37.33 33.70 3.72
N ALA A 266 -36.03 33.74 3.97
CA ALA A 266 -35.33 34.84 4.63
C ALA A 266 -35.00 36.02 3.70
N GLN A 267 -35.57 36.10 2.50
CA GLN A 267 -35.43 37.28 1.62
C GLN A 267 -35.90 38.58 2.31
N LYS A 268 -36.84 38.49 3.27
CA LYS A 268 -37.28 39.61 4.10
C LYS A 268 -36.49 39.79 5.41
N GLU A 269 -35.44 38.99 5.64
CA GLU A 269 -34.60 39.06 6.83
C GLU A 269 -33.11 39.30 6.55
N TYR A 270 -32.58 38.95 5.36
CA TYR A 270 -31.16 39.15 5.06
C TYR A 270 -30.76 40.60 4.76
N PRO A 271 -31.39 41.35 3.84
CA PRO A 271 -30.86 42.62 3.39
C PRO A 271 -31.00 43.74 4.42
N LYS A 272 -31.78 43.55 5.50
CA LYS A 272 -31.83 44.48 6.64
C LYS A 272 -30.88 44.08 7.79
N LEU A 273 -30.11 42.99 7.65
CA LEU A 273 -29.33 42.37 8.73
C LEU A 273 -27.81 42.32 8.45
N LYS A 274 -27.37 42.56 7.21
CA LYS A 274 -25.96 42.43 6.78
C LYS A 274 -25.00 43.21 7.67
N SER A 275 -25.35 44.44 8.05
CA SER A 275 -24.49 45.29 8.88
C SER A 275 -24.57 44.98 10.38
N LYS A 276 -25.43 44.06 10.83
CA LYS A 276 -25.70 43.81 12.26
C LYS A 276 -24.89 42.65 12.88
N PHE A 277 -24.42 41.69 12.09
CA PHE A 277 -23.59 40.59 12.58
C PHE A 277 -22.23 41.09 13.06
N GLN A 278 -21.78 40.64 14.23
CA GLN A 278 -20.56 41.17 14.84
C GLN A 278 -19.27 40.61 14.22
N THR A 279 -19.36 39.62 13.31
CA THR A 279 -18.25 39.05 12.54
C THR A 279 -18.77 38.15 11.40
N LYS A 280 -17.97 37.89 10.36
CA LYS A 280 -18.34 36.91 9.31
C LYS A 280 -18.60 35.51 9.87
N ASN A 281 -17.97 35.08 10.97
CA ASN A 281 -18.30 33.79 11.61
C ASN A 281 -19.68 33.75 12.27
N GLN A 282 -20.37 34.87 12.50
CA GLN A 282 -21.81 34.86 12.82
C GLN A 282 -22.65 34.78 11.56
N GLU A 283 -22.36 35.59 10.55
CA GLU A 283 -23.16 35.72 9.34
C GLU A 283 -23.24 34.40 8.56
N TYR A 284 -22.12 33.68 8.42
CA TYR A 284 -22.11 32.35 7.82
C TYR A 284 -23.03 31.34 8.54
N ILE A 285 -23.09 31.37 9.86
CA ILE A 285 -23.96 30.44 10.59
C ILE A 285 -25.43 30.78 10.34
N TRP A 286 -25.79 32.06 10.38
CA TRP A 286 -27.15 32.47 10.05
C TRP A 286 -27.50 32.22 8.58
N LEU A 287 -26.52 32.18 7.69
CA LEU A 287 -26.72 31.66 6.34
C LEU A 287 -27.06 30.18 6.33
N ILE A 288 -26.14 29.30 6.74
CA ILE A 288 -26.32 27.87 6.47
C ILE A 288 -27.51 27.29 7.23
N ALA A 289 -27.80 27.77 8.45
CA ALA A 289 -29.00 27.36 9.18
C ALA A 289 -30.34 27.65 8.46
N ASN A 290 -30.33 28.47 7.40
CA ASN A 290 -31.49 28.91 6.63
C ASN A 290 -31.31 28.82 5.09
N LEU A 291 -30.52 27.88 4.57
CA LEU A 291 -30.57 27.51 3.15
C LEU A 291 -31.83 26.67 2.82
N ASP A 292 -32.27 26.72 1.56
CA ASP A 292 -33.55 26.16 1.08
C ASP A 292 -33.36 24.84 0.31
N GLN A 293 -33.51 23.68 0.95
CA GLN A 293 -33.11 22.40 0.37
C GLN A 293 -33.67 22.11 -1.04
N SER A 294 -34.92 22.45 -1.31
CA SER A 294 -35.58 22.16 -2.59
C SER A 294 -35.05 22.96 -3.79
N LYS A 295 -34.18 23.96 -3.59
CA LYS A 295 -33.53 24.71 -4.67
C LYS A 295 -32.27 24.03 -5.22
N PHE A 296 -31.65 23.13 -4.46
CA PHE A 296 -30.33 22.58 -4.78
C PHE A 296 -30.32 21.34 -5.69
N THR A 297 -31.45 20.93 -6.24
CA THR A 297 -31.57 19.70 -7.05
C THR A 297 -31.00 19.84 -8.47
N LYS A 298 -29.72 20.15 -8.59
CA LYS A 298 -29.02 20.35 -9.87
C LYS A 298 -27.56 19.92 -9.77
N ILE A 299 -27.18 18.88 -10.53
CA ILE A 299 -25.81 18.37 -10.58
C ILE A 299 -24.98 19.21 -11.54
N ALA A 300 -23.78 19.62 -11.13
CA ALA A 300 -22.87 20.42 -11.93
C ALA A 300 -22.10 19.61 -12.97
N SER A 301 -21.61 20.28 -14.00
CA SER A 301 -20.99 19.70 -15.20
C SER A 301 -19.98 18.57 -14.94
N THR A 302 -18.98 18.81 -14.08
CA THR A 302 -17.93 17.79 -13.82
C THR A 302 -18.51 16.53 -13.19
N SER A 303 -19.47 16.67 -12.29
CA SER A 303 -20.17 15.53 -11.69
C SER A 303 -21.29 14.96 -12.56
N GLU A 304 -21.59 15.53 -13.74
CA GLU A 304 -22.34 14.80 -14.77
C GLU A 304 -21.46 13.84 -15.57
N LYS A 305 -20.25 14.24 -16.01
CA LYS A 305 -19.37 13.32 -16.74
C LYS A 305 -18.99 12.12 -15.88
N TYR A 306 -18.74 12.28 -14.59
CA TYR A 306 -18.49 11.14 -13.70
C TYR A 306 -19.74 10.29 -13.50
N LEU A 307 -20.96 10.82 -13.63
CA LEU A 307 -22.17 10.02 -13.64
C LEU A 307 -22.40 9.29 -14.97
N GLU A 308 -22.09 9.91 -16.10
CA GLU A 308 -22.11 9.25 -17.42
C GLU A 308 -21.12 8.08 -17.47
N LYS A 309 -20.00 8.14 -16.73
CA LYS A 309 -19.07 7.02 -16.50
C LYS A 309 -19.56 6.04 -15.43
N GLY A 310 -20.73 6.24 -14.86
CA GLY A 310 -21.38 5.32 -13.93
C GLY A 310 -21.08 5.54 -12.42
N LEU A 311 -20.66 6.74 -11.99
CA LEU A 311 -20.33 7.05 -10.60
C LEU A 311 -21.28 8.09 -9.99
N THR A 312 -21.84 7.81 -8.80
CA THR A 312 -22.63 8.77 -8.02
C THR A 312 -21.74 9.74 -7.24
N ILE A 313 -22.22 10.95 -6.92
CA ILE A 313 -21.60 11.79 -5.89
C ILE A 313 -21.63 11.07 -4.53
N SER A 314 -20.58 11.17 -3.72
CA SER A 314 -20.62 10.72 -2.33
C SER A 314 -21.09 11.87 -1.44
N PRO A 315 -22.21 11.74 -0.72
CA PRO A 315 -22.68 12.80 0.16
C PRO A 315 -21.66 13.28 1.20
N ARG A 316 -20.71 12.44 1.63
CA ARG A 316 -19.64 12.80 2.59
C ARG A 316 -18.63 13.83 2.05
N SER A 317 -18.67 14.19 0.78
CA SER A 317 -17.79 15.22 0.22
C SER A 317 -18.48 16.18 -0.77
N ALA A 318 -19.80 16.13 -0.88
CA ALA A 318 -20.54 17.04 -1.74
C ALA A 318 -20.38 18.49 -1.26
N PHE A 319 -20.26 19.45 -2.18
CA PHE A 319 -20.18 20.87 -1.86
C PHE A 319 -20.89 21.69 -2.94
N ILE A 320 -21.27 22.92 -2.61
CA ILE A 320 -22.09 23.77 -3.48
C ILE A 320 -21.19 24.74 -4.25
N ASN A 321 -21.31 24.87 -5.57
CA ASN A 321 -20.57 25.91 -6.29
C ASN A 321 -21.46 27.14 -6.53
N GLU A 322 -20.84 28.22 -6.98
CA GLU A 322 -21.40 29.57 -7.08
C GLU A 322 -22.72 29.67 -7.85
N ALA A 323 -23.02 28.77 -8.79
CA ALA A 323 -24.28 28.76 -9.54
C ALA A 323 -25.44 28.03 -8.83
N GLY A 324 -25.27 27.68 -7.54
CA GLY A 324 -26.28 27.02 -6.72
C GLY A 324 -26.50 25.55 -7.06
N GLU A 325 -25.44 24.85 -7.39
CA GLU A 325 -25.47 23.49 -7.96
C GLU A 325 -24.38 22.65 -7.28
N ILE A 326 -24.51 21.33 -7.36
CA ILE A 326 -23.75 20.38 -6.54
C ILE A 326 -22.66 19.68 -7.36
N ASP A 327 -21.43 19.70 -6.85
CA ASP A 327 -20.36 18.78 -7.24
C ASP A 327 -19.59 18.31 -6.00
N SER A 328 -18.46 17.62 -6.16
CA SER A 328 -17.80 16.96 -5.04
C SER A 328 -16.30 16.83 -5.22
N ASN A 329 -15.57 16.72 -4.11
CA ASN A 329 -14.18 16.29 -4.10
C ASN A 329 -14.07 14.77 -4.27
N GLY A 330 -15.18 14.02 -4.19
CA GLY A 330 -15.21 12.57 -4.25
C GLY A 330 -16.51 11.93 -4.74
N TRP A 331 -16.37 10.80 -5.41
CA TRP A 331 -17.44 10.00 -5.97
C TRP A 331 -17.38 8.56 -5.45
N GLY A 332 -18.25 7.69 -5.97
CA GLY A 332 -18.11 6.25 -5.81
C GLY A 332 -19.01 5.47 -6.77
N PRO A 333 -18.64 4.26 -7.17
CA PRO A 333 -19.51 3.40 -7.95
C PRO A 333 -20.60 2.79 -7.05
N PRO A 334 -21.69 2.23 -7.61
CA PRO A 334 -22.59 1.36 -6.88
C PRO A 334 -21.83 0.13 -6.34
N ASP A 335 -22.13 -0.34 -5.12
CA ASP A 335 -21.30 -1.31 -4.39
C ASP A 335 -21.04 -2.63 -5.15
N GLU A 336 -22.02 -3.11 -5.91
CA GLU A 336 -21.89 -4.29 -6.77
C GLU A 336 -20.80 -4.20 -7.85
N TYR A 337 -20.32 -2.99 -8.16
CA TYR A 337 -19.32 -2.66 -9.18
C TYR A 337 -18.08 -2.00 -8.59
N ASN A 338 -17.96 -2.00 -7.27
CA ASN A 338 -16.88 -1.31 -6.57
C ASN A 338 -15.63 -2.20 -6.51
N THR A 339 -14.58 -1.88 -7.27
CA THR A 339 -13.42 -2.77 -7.40
C THR A 339 -12.73 -3.05 -6.08
N VAL A 340 -12.27 -2.05 -5.34
CA VAL A 340 -11.52 -2.28 -4.09
C VAL A 340 -12.39 -2.94 -3.01
N THR A 341 -13.67 -2.58 -2.91
CA THR A 341 -14.56 -3.24 -1.96
C THR A 341 -14.83 -4.70 -2.37
N SER A 342 -14.91 -5.01 -3.65
CA SER A 342 -15.14 -6.38 -4.12
C SER A 342 -13.89 -7.25 -4.07
N ARG A 343 -12.71 -6.66 -4.24
CA ARG A 343 -11.42 -7.33 -4.03
C ARG A 343 -11.23 -7.69 -2.56
N LEU A 344 -11.44 -6.74 -1.65
CA LEU A 344 -11.28 -7.00 -0.22
C LEU A 344 -12.34 -7.99 0.27
N ARG A 345 -13.60 -7.84 -0.14
CA ARG A 345 -14.69 -8.79 0.20
C ARG A 345 -14.44 -10.21 -0.30
N ARG A 346 -13.65 -10.42 -1.37
CA ARG A 346 -13.19 -11.75 -1.79
C ARG A 346 -11.94 -12.21 -1.05
N ASP A 347 -10.88 -11.40 -1.00
CA ASP A 347 -9.61 -11.79 -0.37
C ASP A 347 -9.77 -12.07 1.11
N ASN A 348 -10.59 -11.31 1.83
CA ASN A 348 -10.89 -11.65 3.22
C ASN A 348 -11.70 -12.94 3.37
N SER A 349 -12.42 -13.37 2.32
CA SER A 349 -13.23 -14.60 2.33
C SER A 349 -12.44 -15.87 1.99
N GLU A 350 -11.47 -15.80 1.08
CA GLU A 350 -10.72 -16.98 0.62
C GLU A 350 -9.29 -17.09 1.18
N TYR A 351 -8.44 -16.11 0.93
CA TYR A 351 -6.99 -16.25 1.11
C TYR A 351 -6.50 -16.22 2.56
N ARG A 352 -7.30 -15.80 3.54
CA ARG A 352 -6.80 -15.47 4.89
C ARG A 352 -6.52 -16.62 5.85
N VAL A 353 -6.83 -17.87 5.51
CA VAL A 353 -6.96 -19.00 6.46
C VAL A 353 -8.10 -18.80 7.45
N PHE A 354 -8.01 -17.80 8.34
CA PHE A 354 -9.02 -17.39 9.30
C PHE A 354 -10.02 -16.39 8.70
N ASP A 355 -10.73 -16.78 7.63
CA ASP A 355 -11.55 -15.87 6.80
C ASP A 355 -12.58 -15.04 7.58
N TYR A 356 -13.02 -13.93 6.97
CA TYR A 356 -14.13 -13.11 7.42
C TYR A 356 -14.83 -12.41 6.23
N ASP A 357 -16.08 -12.00 6.38
CA ASP A 357 -16.97 -11.64 5.26
C ASP A 357 -16.87 -10.18 4.78
N GLU A 358 -16.40 -9.27 5.61
CA GLU A 358 -16.34 -7.83 5.36
C GLU A 358 -15.22 -7.40 4.41
N TYR A 359 -15.37 -6.22 3.80
CA TYR A 359 -14.28 -5.56 3.09
C TYR A 359 -13.25 -4.89 4.02
N TYR A 360 -13.47 -4.86 5.34
CA TYR A 360 -12.61 -4.12 6.27
C TYR A 360 -11.20 -4.70 6.39
N SER A 361 -10.20 -3.84 6.57
CA SER A 361 -8.90 -4.18 7.15
C SER A 361 -9.03 -4.60 8.60
N ARG A 362 -8.12 -5.40 9.16
CA ARG A 362 -8.07 -5.60 10.62
C ARG A 362 -7.57 -4.34 11.33
N SER A 363 -8.10 -4.04 12.50
CA SER A 363 -7.63 -2.93 13.33
C SER A 363 -6.26 -3.22 13.93
N SER A 364 -5.42 -2.21 14.12
CA SER A 364 -4.05 -2.36 14.63
C SER A 364 -3.96 -3.13 15.93
N ASP A 365 -4.98 -3.10 16.78
CA ASP A 365 -4.96 -3.87 18.03
C ASP A 365 -5.40 -5.33 17.86
N ARG A 366 -6.24 -5.64 16.86
CA ARG A 366 -6.54 -7.02 16.44
C ARG A 366 -5.33 -7.68 15.77
N ILE A 367 -4.51 -6.91 15.06
CA ILE A 367 -3.23 -7.39 14.55
C ILE A 367 -2.33 -7.77 15.72
N ALA A 368 -2.13 -6.89 16.69
CA ALA A 368 -1.30 -7.17 17.85
C ALA A 368 -1.79 -8.39 18.64
N ASN A 369 -3.09 -8.47 18.95
CA ASN A 369 -3.68 -9.53 19.76
C ASN A 369 -3.98 -10.84 19.00
N GLY A 370 -3.52 -11.03 17.76
CA GLY A 370 -3.63 -12.31 17.04
C GLY A 370 -5.07 -12.79 16.78
N THR A 371 -6.02 -11.85 16.67
CA THR A 371 -7.47 -12.09 16.71
C THR A 371 -8.14 -11.59 15.43
N TYR A 372 -9.23 -12.21 14.99
CA TYR A 372 -9.86 -11.94 13.69
C TYR A 372 -11.35 -11.61 13.82
N PRO A 373 -11.92 -10.74 12.95
CA PRO A 373 -13.36 -10.56 12.86
C PRO A 373 -14.10 -11.89 12.70
N GLY A 374 -15.07 -12.19 13.54
CA GLY A 374 -15.84 -13.46 13.49
C GLY A 374 -15.18 -14.69 14.13
N TRP A 375 -14.02 -14.52 14.79
CA TRP A 375 -13.27 -15.58 15.49
C TRP A 375 -13.05 -15.23 16.96
N VAL A 376 -13.09 -16.22 17.84
CA VAL A 376 -12.76 -16.08 19.26
C VAL A 376 -11.50 -16.87 19.60
N LYS A 377 -10.56 -16.23 20.29
CA LYS A 377 -9.23 -16.77 20.56
C LYS A 377 -9.09 -17.18 22.03
N GLU A 378 -8.85 -18.45 22.25
CA GLU A 378 -8.51 -19.02 23.56
C GLU A 378 -6.99 -19.12 23.72
N ASP A 379 -6.37 -18.62 24.79
CA ASP A 379 -5.04 -19.12 25.18
C ASP A 379 -5.16 -20.50 25.82
N VAL A 380 -4.41 -21.47 25.30
CA VAL A 380 -4.40 -22.89 25.72
C VAL A 380 -2.98 -23.36 26.10
N SER A 381 -2.13 -22.42 26.53
CA SER A 381 -0.70 -22.65 26.74
C SER A 381 -0.38 -23.65 27.84
N GLU A 382 -1.08 -23.64 28.96
CA GLU A 382 -0.61 -24.39 30.14
C GLU A 382 -0.64 -25.93 29.99
N PRO A 383 -1.65 -26.58 29.39
CA PRO A 383 -1.57 -27.99 28.98
C PRO A 383 -0.39 -28.32 28.06
N TYR A 384 -0.06 -27.45 27.10
CA TYR A 384 1.16 -27.62 26.30
C TYR A 384 2.44 -27.33 27.09
N SER A 385 2.40 -26.48 28.11
CA SER A 385 3.54 -26.28 29.01
C SER A 385 3.88 -27.56 29.79
N LYS A 386 2.89 -28.40 30.16
CA LYS A 386 3.12 -29.71 30.79
C LYS A 386 3.94 -30.64 29.88
N LYS A 387 3.67 -30.61 28.57
CA LYS A 387 4.29 -31.44 27.54
C LYS A 387 5.64 -30.94 27.03
N TYR A 388 5.85 -29.62 26.95
CA TYR A 388 7.03 -29.02 26.32
C TYR A 388 7.90 -28.17 27.25
N ASN A 389 7.72 -28.29 28.56
CA ASN A 389 8.60 -27.78 29.62
C ASN A 389 8.93 -26.27 29.62
N PHE A 390 8.33 -25.44 28.77
CA PHE A 390 8.49 -23.98 28.80
C PHE A 390 7.74 -23.36 29.99
N LYS A 391 8.41 -22.50 30.75
CA LYS A 391 7.85 -21.83 31.94
C LYS A 391 7.13 -20.55 31.51
N ALA A 392 6.23 -20.05 32.36
CA ALA A 392 5.28 -18.98 32.01
C ALA A 392 5.94 -17.69 31.46
N SER A 393 7.14 -17.36 31.91
CA SER A 393 7.90 -16.18 31.48
C SER A 393 8.61 -16.31 30.12
N ASP A 394 8.59 -17.48 29.47
CA ASP A 394 9.55 -17.79 28.40
C ASP A 394 9.30 -17.08 27.07
N GLY A 395 8.12 -16.51 26.84
CA GLY A 395 7.79 -15.86 25.56
C GLY A 395 7.23 -16.83 24.51
N ILE A 396 6.74 -18.00 24.94
CA ILE A 396 5.93 -18.93 24.16
C ILE A 396 4.49 -18.91 24.69
N ARG A 397 3.50 -18.76 23.83
CA ARG A 397 2.06 -18.98 24.10
C ARG A 397 1.45 -19.83 22.99
N PHE A 398 0.52 -20.69 23.35
CA PHE A 398 -0.39 -21.32 22.40
C PHE A 398 -1.74 -20.67 22.52
N SER A 399 -2.37 -20.36 21.39
CA SER A 399 -3.77 -19.97 21.29
C SER A 399 -4.49 -20.82 20.25
N LYS A 400 -5.78 -21.01 20.41
CA LYS A 400 -6.67 -21.66 19.44
C LYS A 400 -7.74 -20.67 18.99
N LEU A 401 -7.98 -20.59 17.69
CA LEU A 401 -9.04 -19.79 17.08
C LEU A 401 -10.21 -20.71 16.74
N GLU A 402 -11.43 -20.43 17.21
CA GLU A 402 -12.66 -21.08 16.71
C GLU A 402 -13.65 -20.03 16.22
N ARG A 403 -14.41 -20.34 15.17
CA ARG A 403 -15.41 -19.41 14.61
C ARG A 403 -16.59 -19.23 15.56
N ILE A 404 -17.25 -18.06 15.56
CA ILE A 404 -18.51 -17.90 16.32
C ILE A 404 -19.63 -18.79 15.77
N ASN A 405 -19.75 -18.92 14.44
CA ASN A 405 -20.61 -19.91 13.78
C ASN A 405 -19.73 -20.87 12.96
N PRO A 406 -19.73 -22.19 13.22
CA PRO A 406 -18.97 -23.13 12.41
C PRO A 406 -19.57 -23.23 11.01
N ASN A 407 -18.74 -23.46 10.00
CA ASN A 407 -19.14 -23.60 8.59
C ASN A 407 -19.24 -25.10 8.22
N PRO A 408 -20.42 -25.65 7.87
CA PRO A 408 -20.58 -27.06 7.52
C PRO A 408 -19.82 -27.52 6.26
N ALA A 409 -19.34 -26.60 5.43
CA ALA A 409 -18.67 -26.91 4.17
C ALA A 409 -17.27 -27.53 4.34
N LYS A 410 -16.84 -28.32 3.35
CA LYS A 410 -15.48 -28.85 3.17
C LYS A 410 -14.46 -27.72 2.94
N GLY A 411 -13.17 -27.97 3.18
CA GLY A 411 -12.07 -27.22 2.56
C GLY A 411 -11.59 -25.94 3.25
N LYS A 412 -12.22 -25.53 4.36
CA LYS A 412 -11.82 -24.40 5.21
C LYS A 412 -11.95 -24.75 6.69
N LEU A 413 -11.07 -24.22 7.53
CA LEU A 413 -10.93 -24.57 8.96
C LEU A 413 -12.12 -24.08 9.81
N ASN A 414 -12.68 -24.96 10.63
CA ASN A 414 -13.59 -24.60 11.73
C ASN A 414 -12.87 -24.36 13.07
N SER A 415 -11.59 -24.71 13.21
CA SER A 415 -10.69 -24.28 14.30
C SER A 415 -9.23 -24.44 13.91
N GLY A 416 -8.29 -23.78 14.58
CA GLY A 416 -6.84 -23.95 14.34
C GLY A 416 -5.96 -23.38 15.44
N LEU A 417 -4.65 -23.63 15.38
CA LEU A 417 -3.71 -23.19 16.41
C LEU A 417 -2.76 -22.13 15.88
N VAL A 418 -2.47 -21.17 16.73
CA VAL A 418 -1.44 -20.14 16.51
C VAL A 418 -0.45 -20.17 17.68
N LEU A 419 0.82 -20.42 17.37
CA LEU A 419 1.92 -20.48 18.31
C LEU A 419 2.75 -19.21 18.18
N ASP A 420 2.82 -18.41 19.25
CA ASP A 420 3.72 -17.25 19.27
C ASP A 420 5.14 -17.64 19.74
N LEU A 421 6.13 -16.91 19.28
CA LEU A 421 7.55 -17.03 19.63
C LEU A 421 8.08 -15.60 19.73
N ASP A 422 8.10 -15.04 20.92
CA ASP A 422 8.50 -13.66 21.17
C ASP A 422 10.03 -13.58 21.23
N VAL A 423 10.70 -13.72 20.08
CA VAL A 423 12.10 -14.13 19.99
C VAL A 423 13.07 -13.20 20.72
N SER A 424 12.79 -11.90 20.80
CA SER A 424 13.61 -10.97 21.57
C SER A 424 13.51 -11.10 23.09
N ASN A 425 12.73 -12.05 23.62
CA ASN A 425 12.77 -12.43 25.04
C ASN A 425 13.99 -13.27 25.44
N ASP A 426 14.77 -13.76 24.47
CA ASP A 426 15.88 -14.73 24.59
C ASP A 426 15.46 -16.18 24.88
N GLU A 427 14.63 -16.44 25.89
CA GLU A 427 14.21 -17.79 26.24
C GLU A 427 13.49 -18.50 25.08
N ALA A 428 12.60 -17.81 24.36
CA ALA A 428 11.96 -18.32 23.13
C ALA A 428 12.86 -18.30 21.88
N TYR A 429 14.08 -17.79 21.97
CA TYR A 429 15.08 -17.88 20.89
C TYR A 429 16.08 -19.02 21.10
N ARG A 430 16.47 -19.33 22.35
CA ARG A 430 17.09 -20.64 22.67
C ARG A 430 16.11 -21.77 22.36
N ARG A 431 14.97 -21.79 23.06
CA ARG A 431 13.88 -22.74 22.83
C ARG A 431 13.05 -22.33 21.60
N SER A 432 13.55 -22.60 20.40
CA SER A 432 12.96 -22.17 19.12
C SER A 432 12.97 -23.26 18.04
N LYS A 433 14.13 -23.57 17.44
CA LYS A 433 14.28 -24.55 16.35
C LYS A 433 13.83 -25.93 16.81
N GLU A 434 14.32 -26.37 17.97
CA GLU A 434 13.90 -27.63 18.57
C GLU A 434 12.40 -27.66 18.85
N LEU A 435 11.81 -26.52 19.25
CA LEU A 435 10.38 -26.42 19.55
C LEU A 435 9.55 -26.58 18.28
N ILE A 436 9.83 -25.83 17.21
CA ILE A 436 9.05 -25.93 15.96
C ILE A 436 9.04 -27.37 15.39
N GLU A 437 10.15 -28.10 15.50
CA GLU A 437 10.25 -29.50 15.09
C GLU A 437 9.69 -30.50 16.12
N LYS A 438 9.79 -30.23 17.43
CA LYS A 438 9.07 -31.00 18.48
C LYS A 438 7.56 -30.96 18.25
N LEU A 439 7.07 -29.79 17.84
CA LEU A 439 5.70 -29.54 17.38
C LEU A 439 5.37 -30.13 16.00
N GLN A 440 6.26 -30.93 15.39
CA GLN A 440 5.92 -31.96 14.40
C GLN A 440 5.91 -33.36 15.04
N LYS A 441 7.03 -33.79 15.65
CA LYS A 441 7.23 -35.20 16.06
C LYS A 441 6.37 -35.68 17.25
N ASP A 442 5.79 -34.77 18.02
CA ASP A 442 4.73 -35.09 19.00
C ASP A 442 3.42 -35.58 18.32
N GLY A 443 3.33 -35.58 16.99
CA GLY A 443 2.11 -35.90 16.27
C GLY A 443 1.15 -34.72 16.31
N GLU A 444 1.54 -33.62 15.67
CA GLU A 444 0.85 -32.33 15.76
C GLU A 444 0.88 -31.58 14.40
N GLN A 445 -0.04 -30.64 14.21
CA GLN A 445 -0.46 -30.10 12.90
C GLN A 445 -0.73 -28.59 12.96
N ILE A 446 0.12 -27.81 13.66
CA ILE A 446 -0.07 -26.37 13.89
C ILE A 446 -0.36 -25.59 12.62
N THR A 447 -1.39 -24.77 12.67
CA THR A 447 -1.88 -23.96 11.55
C THR A 447 -1.00 -22.75 11.28
N SER A 448 -0.40 -22.14 12.31
CA SER A 448 0.27 -20.85 12.16
C SER A 448 1.24 -20.44 13.28
N TYR A 449 2.12 -19.48 12.98
CA TYR A 449 3.20 -19.06 13.86
C TYR A 449 3.30 -17.52 13.95
N ARG A 450 3.60 -16.97 15.12
CA ARG A 450 3.82 -15.51 15.34
C ARG A 450 5.22 -15.24 15.85
N ILE A 451 6.15 -15.08 14.93
CA ILE A 451 7.54 -14.78 15.23
C ILE A 451 7.60 -13.29 15.58
N LYS A 452 7.31 -12.97 16.85
CA LYS A 452 7.16 -11.59 17.35
C LYS A 452 8.49 -10.93 17.64
N ASN A 453 8.58 -9.62 17.41
CA ASN A 453 9.69 -8.76 17.81
C ASN A 453 11.07 -9.21 17.24
N MET A 454 11.12 -9.60 15.97
CA MET A 454 12.33 -10.06 15.30
C MET A 454 13.39 -8.96 15.24
N GLY A 455 14.42 -9.07 16.08
CA GLY A 455 15.55 -8.15 16.14
C GLY A 455 15.46 -7.01 17.16
N GLU A 456 14.36 -6.86 17.92
CA GLU A 456 14.13 -5.72 18.82
C GLU A 456 15.22 -5.50 19.89
N LYS A 457 15.99 -6.52 20.25
CA LYS A 457 17.02 -6.43 21.30
C LYS A 457 18.46 -6.50 20.78
N ASN A 458 18.72 -6.98 19.56
CA ASN A 458 20.07 -6.99 18.97
C ASN A 458 19.96 -7.22 17.44
N SER A 459 20.51 -6.33 16.62
CA SER A 459 20.13 -6.18 15.21
C SER A 459 20.55 -7.32 14.27
N ASP A 460 21.63 -8.05 14.58
CA ASP A 460 22.20 -9.12 13.75
C ASP A 460 21.45 -10.46 13.88
N GLN A 461 20.42 -10.54 14.72
CA GLN A 461 19.77 -11.78 15.16
C GLN A 461 19.44 -12.70 13.98
N ALA A 462 19.96 -13.93 13.99
CA ALA A 462 19.89 -14.88 12.89
C ALA A 462 18.61 -15.74 12.94
N PHE A 463 18.02 -16.03 11.78
CA PHE A 463 16.74 -16.75 11.71
C PHE A 463 16.63 -17.82 10.60
N LYS A 464 17.56 -17.93 9.64
CA LYS A 464 17.42 -18.89 8.53
C LYS A 464 17.22 -20.35 9.01
N ASP A 465 17.76 -20.73 10.18
CA ASP A 465 17.47 -22.02 10.80
C ASP A 465 16.06 -22.12 11.42
N ILE A 466 15.65 -21.17 12.26
CA ILE A 466 14.33 -21.18 12.92
C ILE A 466 13.21 -21.03 11.90
N LEU A 467 13.28 -20.03 11.01
CA LEU A 467 12.28 -19.82 9.96
C LEU A 467 12.36 -20.90 8.86
N GLY A 468 13.48 -21.63 8.76
CA GLY A 468 13.60 -22.84 7.94
C GLY A 468 13.04 -24.10 8.57
N ALA A 469 12.76 -24.11 9.87
CA ALA A 469 12.35 -25.30 10.62
C ALA A 469 10.89 -25.75 10.36
N LEU A 470 10.09 -24.89 9.74
CA LEU A 470 8.64 -25.01 9.51
C LEU A 470 8.26 -26.30 8.75
N PRO A 471 6.99 -26.73 8.75
CA PRO A 471 6.56 -27.86 7.93
C PRO A 471 6.69 -27.63 6.41
N LYS A 472 6.14 -28.51 5.59
CA LYS A 472 6.12 -28.38 4.13
C LYS A 472 4.91 -27.59 3.62
N ASP A 473 3.83 -27.60 4.41
CA ASP A 473 2.61 -26.79 4.29
C ASP A 473 2.45 -25.85 5.51
N ILE A 474 2.37 -24.53 5.28
CA ILE A 474 2.08 -23.55 6.33
C ILE A 474 0.86 -22.72 5.95
N GLN A 475 -0.08 -22.54 6.87
CA GLN A 475 -1.22 -21.68 6.59
C GLN A 475 -0.88 -20.23 6.89
N GLN A 476 -0.54 -19.85 8.13
CA GLN A 476 -0.20 -18.46 8.48
C GLN A 476 1.21 -18.32 9.06
N LEU A 477 1.87 -17.21 8.73
CA LEU A 477 3.03 -16.66 9.42
C LEU A 477 2.79 -15.19 9.76
N GLU A 478 2.96 -14.80 11.00
CA GLU A 478 3.07 -13.41 11.38
C GLU A 478 4.52 -13.13 11.72
N LEU A 479 5.25 -12.47 10.83
CA LEU A 479 6.60 -12.00 11.11
C LEU A 479 6.54 -10.53 11.51
N PHE A 480 6.72 -10.22 12.79
CA PHE A 480 6.76 -8.84 13.26
C PHE A 480 8.20 -8.34 13.31
N PHE A 481 8.68 -7.76 12.23
CA PHE A 481 10.01 -7.18 12.17
C PHE A 481 10.14 -5.95 13.05
N SER A 482 11.31 -5.79 13.66
CA SER A 482 11.69 -4.55 14.30
C SER A 482 12.07 -3.48 13.27
N ASP A 483 11.51 -2.29 13.40
CA ASP A 483 11.97 -1.06 12.76
C ASP A 483 13.44 -0.74 13.10
N LYS A 484 13.89 -1.04 14.32
CA LYS A 484 15.29 -0.81 14.76
C LYS A 484 16.27 -1.78 14.11
N ALA A 485 15.83 -2.99 13.76
CA ALA A 485 16.63 -3.97 13.04
C ALA A 485 16.55 -3.80 11.51
N THR A 486 15.35 -3.57 10.96
CA THR A 486 15.05 -3.53 9.51
C THR A 486 15.53 -4.77 8.72
N ASN A 487 15.75 -5.91 9.40
CA ASN A 487 16.58 -7.00 8.93
C ASN A 487 15.75 -8.17 8.37
N THR A 488 15.33 -8.08 7.10
CA THR A 488 14.54 -9.12 6.44
C THR A 488 15.38 -10.36 6.07
N ALA A 489 15.66 -11.24 7.04
CA ALA A 489 16.33 -12.54 6.87
C ALA A 489 15.39 -13.66 6.35
N SER A 490 14.28 -13.30 5.71
CA SER A 490 13.14 -14.17 5.39
C SER A 490 13.34 -15.05 4.15
N LEU A 491 14.51 -15.62 3.96
CA LEU A 491 14.70 -16.65 2.94
C LEU A 491 13.99 -17.94 3.39
N ILE A 492 12.69 -18.01 3.14
CA ILE A 492 11.78 -19.10 3.54
C ILE A 492 12.16 -20.43 2.84
N ALA A 493 13.02 -20.42 1.82
CA ALA A 493 13.60 -21.60 1.19
C ALA A 493 12.56 -22.57 0.59
N LEU A 494 11.55 -21.99 -0.09
CA LEU A 494 10.60 -22.71 -0.93
C LEU A 494 9.82 -23.81 -0.18
N GLU A 495 9.19 -23.47 0.95
CA GLU A 495 8.26 -24.35 1.66
C GLU A 495 7.08 -24.66 0.72
N ASN A 496 7.06 -25.89 0.17
CA ASN A 496 6.44 -26.29 -1.10
C ASN A 496 5.05 -25.70 -1.42
N LYS A 497 4.20 -25.46 -0.41
CA LYS A 497 3.07 -24.54 -0.49
C LYS A 497 2.91 -23.75 0.81
N ASN A 498 2.47 -22.50 0.71
CA ASN A 498 1.73 -21.82 1.77
C ASN A 498 0.32 -21.50 1.26
N ILE A 499 -0.74 -21.94 1.96
CA ILE A 499 -2.08 -21.34 1.79
C ILE A 499 -2.05 -19.85 2.23
N LYS A 500 -0.96 -19.50 2.90
CA LYS A 500 -0.36 -18.19 2.94
C LYS A 500 -1.13 -16.98 3.42
N GLU A 501 -1.49 -16.99 4.68
CA GLU A 501 -1.65 -15.74 5.41
C GLU A 501 -0.20 -15.44 5.85
N LEU A 502 0.70 -15.23 4.88
CA LEU A 502 2.06 -14.77 5.12
C LEU A 502 1.99 -13.28 5.30
N SER A 503 2.16 -12.82 6.52
CA SER A 503 2.03 -11.42 6.87
C SER A 503 3.36 -10.88 7.36
N LEU A 504 3.80 -9.78 6.75
CA LEU A 504 5.05 -9.11 7.05
C LEU A 504 4.71 -7.81 7.78
N TYR A 505 4.46 -7.93 9.09
CA TYR A 505 4.02 -6.84 9.95
C TYR A 505 5.21 -6.13 10.61
N THR A 506 4.99 -4.94 11.14
CA THR A 506 5.97 -4.20 11.94
C THR A 506 5.35 -3.47 13.11
N SER A 507 6.13 -3.20 14.14
CA SER A 507 5.75 -2.40 15.31
C SER A 507 6.20 -0.93 15.23
N GLY A 508 6.42 -0.38 14.03
CA GLY A 508 7.03 0.94 13.85
C GLY A 508 6.79 1.56 12.48
N ASN A 509 7.76 2.31 11.95
CA ASN A 509 7.68 2.96 10.65
C ASN A 509 7.74 1.97 9.48
N SER A 510 6.58 1.58 8.98
CA SER A 510 6.44 0.60 7.91
C SER A 510 6.60 1.15 6.49
N LEU A 511 6.87 2.44 6.31
CA LEU A 511 7.20 3.05 5.02
C LEU A 511 8.70 3.31 4.84
N LYS A 512 9.49 3.17 5.90
CA LYS A 512 10.94 3.39 5.94
C LYS A 512 11.67 2.75 4.75
N LYS A 513 12.47 3.51 4.01
CA LYS A 513 13.08 3.08 2.73
C LYS A 513 14.16 1.99 2.86
N ALA A 514 14.50 1.57 4.08
CA ALA A 514 15.36 0.43 4.38
C ALA A 514 14.66 -0.94 4.33
N TRP A 515 13.32 -1.01 4.27
CA TRP A 515 12.60 -2.27 4.11
C TRP A 515 12.88 -2.89 2.74
N SER A 516 13.24 -4.16 2.69
CA SER A 516 13.43 -4.90 1.46
C SER A 516 13.12 -6.37 1.64
N TYR A 517 12.82 -7.11 0.59
CA TYR A 517 12.55 -8.54 0.67
C TYR A 517 13.11 -9.27 -0.54
N ASN A 518 13.52 -10.50 -0.34
CA ASN A 518 13.96 -11.36 -1.43
C ASN A 518 12.75 -11.83 -2.21
N PRO A 519 12.62 -11.59 -3.52
CA PRO A 519 11.42 -11.96 -4.25
C PRO A 519 11.29 -13.47 -4.46
N LEU A 520 12.41 -14.18 -4.64
CA LEU A 520 12.42 -15.62 -4.85
C LEU A 520 11.93 -16.38 -3.61
N ALA A 521 12.13 -15.80 -2.42
CA ALA A 521 11.65 -16.33 -1.15
C ALA A 521 10.11 -16.43 -1.02
N LEU A 522 9.35 -15.84 -1.95
CA LEU A 522 7.89 -15.90 -1.96
C LEU A 522 7.33 -16.81 -3.06
N ARG A 523 8.18 -17.48 -3.84
CA ARG A 523 7.88 -18.13 -5.13
C ARG A 523 6.61 -18.96 -5.16
N ASN A 524 6.39 -19.82 -4.16
CA ASN A 524 5.21 -20.68 -4.03
C ASN A 524 4.35 -20.41 -2.79
N THR A 525 4.20 -19.14 -2.40
CA THR A 525 3.19 -18.70 -1.42
C THR A 525 1.97 -18.11 -2.12
N THR A 526 0.76 -18.58 -1.80
CA THR A 526 -0.42 -18.25 -2.60
C THR A 526 -0.93 -16.82 -2.46
N TRP A 527 -0.67 -16.16 -1.34
CA TRP A 527 -1.05 -14.77 -1.07
C TRP A 527 -0.14 -14.19 0.00
N ILE A 528 -0.03 -12.87 0.07
CA ILE A 528 0.80 -12.15 1.04
C ILE A 528 -0.05 -11.01 1.61
N ASN A 529 -0.03 -10.80 2.91
CA ASN A 529 -0.95 -9.87 3.55
C ASN A 529 -0.67 -8.42 3.21
N THR A 530 -1.63 -7.84 2.51
CA THR A 530 -1.59 -6.45 2.05
C THR A 530 -2.94 -5.75 2.25
N ILE A 531 -3.80 -6.31 3.12
CA ILE A 531 -5.10 -5.74 3.50
C ILE A 531 -5.03 -5.04 4.85
N ASP A 532 -4.22 -5.56 5.77
CA ASP A 532 -4.10 -5.07 7.14
C ASP A 532 -3.26 -3.79 7.29
N TYR A 533 -3.25 -2.93 6.29
CA TYR A 533 -2.54 -1.66 6.27
C TYR A 533 -3.22 -0.61 7.16
N ASN A 534 -2.56 -0.19 8.23
CA ASN A 534 -3.15 0.60 9.30
C ASN A 534 -2.55 2.00 9.51
N VAL A 535 -1.35 2.28 9.03
CA VAL A 535 -0.61 3.52 9.33
C VAL A 535 -1.23 4.76 8.67
N SER A 536 -1.44 5.79 9.47
CA SER A 536 -2.10 7.05 9.11
C SER A 536 -1.73 8.17 10.10
N ALA A 537 -2.10 9.41 9.79
CA ALA A 537 -1.71 10.59 10.56
C ALA A 537 -2.28 10.69 12.00
N GLU A 538 -3.34 9.95 12.35
CA GLU A 538 -4.04 10.10 13.63
C GLU A 538 -3.15 9.82 14.85
N TYR A 539 -2.41 8.71 14.85
CA TYR A 539 -1.90 8.09 16.06
C TYR A 539 -0.96 8.97 16.88
N SER A 540 -1.13 8.95 18.20
CA SER A 540 -0.28 9.65 19.17
C SER A 540 1.15 9.11 19.21
N SER A 541 2.08 9.92 19.75
CA SER A 541 3.51 9.66 19.72
C SER A 541 3.96 8.44 20.56
N HIS A 542 3.29 8.16 21.67
CA HIS A 542 3.79 7.27 22.73
C HIS A 542 3.32 5.80 22.64
N ASP A 543 2.44 5.43 21.71
CA ASP A 543 1.93 4.06 21.53
C ASP A 543 2.38 3.40 20.21
N LYS A 544 2.69 2.11 20.30
CA LYS A 544 3.08 1.22 19.21
C LYS A 544 1.85 0.87 18.36
N ILE A 545 1.71 1.55 17.23
CA ILE A 545 0.88 1.08 16.10
C ILE A 545 1.45 -0.24 15.56
N THR A 546 0.70 -0.95 14.73
CA THR A 546 1.17 -2.16 14.06
C THR A 546 0.50 -2.28 12.71
N THR A 547 1.23 -2.64 11.67
CA THR A 547 0.76 -2.56 10.28
C THR A 547 1.54 -3.48 9.37
N ARG A 548 0.98 -3.87 8.22
CA ARG A 548 1.80 -4.43 7.13
C ARG A 548 2.82 -3.41 6.65
N ILE A 549 3.92 -3.90 6.09
CA ILE A 549 5.01 -3.09 5.52
C ILE A 549 4.68 -2.66 4.09
N THR A 550 4.93 -1.40 3.72
CA THR A 550 4.98 -1.00 2.31
C THR A 550 6.36 -1.31 1.77
N PHE A 551 6.60 -2.56 1.33
CA PHE A 551 7.87 -2.91 0.73
C PHE A 551 8.04 -2.22 -0.62
N ASN A 552 9.19 -1.59 -0.81
CA ASN A 552 9.49 -0.81 -2.01
C ASN A 552 10.91 -1.06 -2.52
N THR A 553 11.56 -2.16 -2.11
CA THR A 553 12.86 -2.57 -2.66
C THR A 553 13.10 -4.06 -2.53
N LEU A 554 13.80 -4.66 -3.50
CA LEU A 554 14.08 -6.09 -3.57
C LEU A 554 15.49 -6.42 -3.10
N ALA A 555 15.67 -7.39 -2.22
CA ALA A 555 16.97 -7.78 -1.71
C ALA A 555 17.34 -9.21 -2.09
N PHE A 556 17.94 -9.38 -3.26
CA PHE A 556 18.59 -10.64 -3.64
C PHE A 556 19.75 -10.94 -2.69
N ASP A 557 20.09 -12.21 -2.46
CA ASP A 557 21.20 -12.56 -1.55
C ASP A 557 22.15 -13.63 -2.12
N GLN A 558 23.29 -13.83 -1.45
CA GLN A 558 24.51 -14.37 -2.03
C GLN A 558 24.34 -15.72 -2.75
N GLU A 559 23.41 -16.57 -2.34
CA GLU A 559 23.11 -17.86 -2.99
C GLU A 559 22.23 -17.74 -4.26
N ASP A 560 21.69 -16.57 -4.60
CA ASP A 560 20.86 -16.37 -5.81
C ASP A 560 21.69 -16.24 -7.10
N PHE A 561 22.77 -15.47 -7.08
CA PHE A 561 23.70 -15.32 -8.19
C PHE A 561 24.65 -16.52 -8.30
N SER A 562 24.07 -17.71 -8.44
CA SER A 562 24.64 -19.01 -8.07
C SER A 562 26.04 -19.32 -8.61
N ASN A 563 26.17 -19.51 -9.92
CA ASN A 563 27.42 -19.89 -10.59
C ASN A 563 27.99 -18.76 -11.47
N GLY A 564 27.70 -17.51 -11.12
CA GLY A 564 28.06 -16.35 -11.93
C GLY A 564 27.18 -16.16 -13.17
N SER A 565 25.94 -16.64 -13.12
CA SER A 565 24.92 -16.42 -14.15
C SER A 565 23.61 -15.90 -13.57
N TYR A 566 22.95 -15.01 -14.29
CA TYR A 566 21.76 -14.25 -13.88
C TYR A 566 20.45 -15.01 -14.07
N GLU A 567 20.50 -16.32 -14.32
CA GLU A 567 19.30 -17.08 -14.66
C GLU A 567 18.25 -16.99 -13.54
N ARG A 568 18.63 -17.25 -12.27
CA ARG A 568 17.71 -17.24 -11.13
C ARG A 568 17.22 -15.85 -10.78
N ILE A 569 18.05 -14.83 -10.88
CA ILE A 569 17.65 -13.45 -10.59
C ILE A 569 16.65 -12.96 -11.64
N ASN A 570 16.71 -13.42 -12.89
CA ASN A 570 15.71 -13.11 -13.91
C ASN A 570 14.38 -13.88 -13.75
N ASP A 571 14.30 -14.96 -12.97
CA ASP A 571 13.01 -15.48 -12.53
C ASP A 571 12.41 -14.51 -11.50
N GLY A 572 13.10 -14.20 -10.41
CA GLY A 572 12.55 -13.36 -9.34
C GLY A 572 12.23 -11.94 -9.78
N LEU A 573 13.11 -11.33 -10.57
CA LEU A 573 12.95 -10.00 -11.13
C LEU A 573 11.92 -9.96 -12.27
N ARG A 574 11.43 -11.10 -12.73
CA ARG A 574 10.23 -11.20 -13.57
C ARG A 574 8.97 -11.53 -12.78
N MET A 575 9.13 -12.25 -11.68
CA MET A 575 8.06 -12.60 -10.77
C MET A 575 7.33 -11.35 -10.31
N VAL A 576 8.04 -10.42 -9.68
CA VAL A 576 7.42 -9.25 -9.07
C VAL A 576 7.17 -8.11 -10.04
N TYR A 577 7.61 -8.21 -11.29
CA TYR A 577 7.41 -7.19 -12.32
C TYR A 577 6.43 -7.57 -13.43
N TYR A 578 6.09 -8.86 -13.58
CA TYR A 578 5.12 -9.34 -14.57
C TYR A 578 4.32 -10.55 -14.10
N ALA A 579 4.95 -11.69 -13.81
CA ALA A 579 4.21 -12.93 -13.64
C ALA A 579 3.23 -12.92 -12.45
N ARG A 580 3.54 -12.16 -11.39
CA ARG A 580 2.70 -11.96 -10.21
C ARG A 580 2.32 -10.50 -9.98
N ASN A 581 2.55 -9.60 -10.93
CA ASN A 581 2.38 -8.17 -10.71
C ASN A 581 0.93 -7.69 -10.82
N ASN A 582 -0.05 -8.58 -10.75
CA ASN A 582 -1.45 -8.25 -10.53
C ASN A 582 -1.93 -8.53 -9.09
N GLU A 583 -1.13 -9.20 -8.25
CA GLU A 583 -1.42 -9.32 -6.83
C GLU A 583 -1.13 -8.01 -6.10
N PRO A 584 -1.94 -7.58 -5.12
CA PRO A 584 -1.73 -6.30 -4.46
C PRO A 584 -0.48 -6.19 -3.57
N PHE A 585 0.26 -7.27 -3.29
CA PHE A 585 1.53 -7.17 -2.54
C PHE A 585 2.76 -6.84 -3.39
N PHE A 586 2.88 -7.36 -4.61
CA PHE A 586 4.05 -7.14 -5.47
C PHE A 586 4.01 -5.76 -6.15
N GLN A 587 3.62 -4.73 -5.41
CA GLN A 587 3.18 -3.46 -5.96
C GLN A 587 3.66 -2.28 -5.11
N GLY A 588 3.29 -2.16 -3.84
CA GLY A 588 3.71 -1.05 -2.99
C GLY A 588 2.99 0.28 -3.28
N GLY A 589 3.70 1.40 -3.10
CA GLY A 589 3.16 2.77 -2.97
C GLY A 589 2.56 3.46 -4.20
N HIS A 590 1.91 2.72 -5.09
CA HIS A 590 0.98 3.21 -6.12
C HIS A 590 -0.20 2.24 -6.29
N GLY A 591 -0.21 1.06 -5.63
CA GLY A 591 -1.25 0.04 -5.78
C GLY A 591 -1.49 -0.44 -7.23
N PRO A 592 -2.59 -1.16 -7.49
CA PRO A 592 -3.02 -1.54 -8.83
C PRO A 592 -3.65 -0.37 -9.58
N GLY A 593 -3.53 -0.29 -10.91
CA GLY A 593 -3.88 0.97 -11.58
C GLY A 593 -5.31 1.10 -12.13
N LEU A 594 -5.54 0.63 -13.35
CA LEU A 594 -6.82 0.79 -14.07
C LEU A 594 -7.44 -0.55 -14.46
N GLU A 595 -6.66 -1.39 -15.15
CA GLU A 595 -7.03 -2.72 -15.61
C GLU A 595 -5.90 -3.72 -15.30
N PRO A 596 -5.68 -4.03 -14.00
CA PRO A 596 -4.46 -4.66 -13.50
C PRO A 596 -4.14 -6.02 -14.11
N ASP A 597 -5.16 -6.71 -14.59
CA ASP A 597 -5.09 -8.04 -15.20
C ASP A 597 -4.79 -8.02 -16.72
N LYS A 598 -4.73 -6.86 -17.37
CA LYS A 598 -4.54 -6.74 -18.83
C LYS A 598 -3.50 -5.71 -19.26
N LYS A 599 -3.32 -4.60 -18.53
CA LYS A 599 -2.25 -3.62 -18.79
C LYS A 599 -1.31 -3.51 -17.59
N LEU A 600 -0.65 -4.61 -17.26
CA LEU A 600 0.28 -4.71 -16.13
C LEU A 600 1.33 -3.58 -16.13
N GLY A 601 1.76 -3.09 -17.28
CA GLY A 601 2.66 -1.95 -17.39
C GLY A 601 2.27 -0.71 -16.59
N GLN A 602 0.96 -0.51 -16.36
CA GLN A 602 0.42 0.57 -15.55
C GLN A 602 0.51 0.34 -14.04
N ASN A 603 0.60 -0.89 -13.56
CA ASN A 603 0.59 -1.21 -12.13
C ASN A 603 1.80 -0.65 -11.40
N SER A 604 1.72 -0.54 -10.08
CA SER A 604 2.90 -0.34 -9.26
C SER A 604 3.80 -1.57 -9.29
N TYR A 605 5.03 -1.41 -8.86
CA TYR A 605 6.03 -2.46 -8.64
C TYR A 605 7.05 -1.94 -7.65
N PRO A 606 7.82 -2.79 -6.97
CA PRO A 606 8.80 -2.33 -6.00
C PRO A 606 9.93 -1.60 -6.72
N THR A 607 10.10 -0.31 -6.39
CA THR A 607 10.82 0.71 -7.18
C THR A 607 12.34 0.70 -7.03
N GLY A 608 12.93 -0.26 -6.33
CA GLY A 608 14.37 -0.27 -6.11
C GLY A 608 14.98 -1.65 -5.88
N LEU A 609 16.29 -1.77 -6.07
CA LEU A 609 17.07 -2.98 -5.90
C LEU A 609 18.11 -2.79 -4.81
N ASP A 610 18.28 -3.78 -3.96
CA ASP A 610 19.29 -3.84 -2.92
C ASP A 610 20.14 -5.08 -3.19
N PHE A 611 21.41 -4.87 -3.52
CA PHE A 611 22.40 -5.93 -3.70
C PHE A 611 23.43 -5.88 -2.56
N SER A 612 23.13 -5.26 -1.42
CA SER A 612 24.06 -5.05 -0.29
C SER A 612 24.52 -6.34 0.43
N ARG A 613 24.15 -7.50 -0.11
CA ARG A 613 24.36 -8.82 0.47
C ARG A 613 24.69 -9.90 -0.58
N VAL A 614 25.05 -9.48 -1.79
CA VAL A 614 25.46 -10.34 -2.91
C VAL A 614 26.68 -9.74 -3.60
N THR A 615 27.86 -10.20 -3.20
CA THR A 615 29.14 -9.54 -3.48
C THR A 615 29.54 -9.51 -4.95
N GLY A 616 29.00 -10.39 -5.79
CA GLY A 616 29.36 -10.47 -7.20
C GLY A 616 28.82 -9.34 -8.07
N ILE A 617 27.62 -8.84 -7.77
CA ILE A 617 26.89 -7.93 -8.67
C ILE A 617 27.46 -6.52 -8.55
N LYS A 618 28.18 -6.09 -9.58
CA LYS A 618 28.78 -4.76 -9.71
C LYS A 618 27.91 -3.76 -10.49
N SER A 619 26.84 -4.20 -11.13
CA SER A 619 26.14 -3.46 -12.19
C SER A 619 24.72 -3.97 -12.41
N LEU A 620 23.96 -3.36 -13.31
CA LEU A 620 22.85 -4.02 -13.98
C LEU A 620 23.33 -4.52 -15.35
N LYS A 621 23.86 -5.74 -15.44
CA LYS A 621 24.12 -6.47 -16.69
C LYS A 621 23.31 -7.75 -16.70
N GLY A 622 22.75 -8.13 -17.85
CA GLY A 622 22.02 -9.39 -18.00
C GLY A 622 20.64 -9.44 -17.35
N LEU A 623 20.27 -8.48 -16.51
CA LEU A 623 18.93 -8.34 -15.98
C LEU A 623 17.96 -7.79 -17.04
N ARG A 624 16.78 -8.40 -17.18
CA ARG A 624 15.77 -8.08 -18.19
C ARG A 624 14.49 -7.54 -17.55
N PHE A 625 13.89 -6.52 -18.15
CA PHE A 625 12.77 -5.75 -17.58
C PHE A 625 11.56 -5.58 -18.52
N ASP A 626 11.52 -6.19 -19.72
CA ASP A 626 10.31 -6.40 -20.51
C ASP A 626 10.18 -7.88 -20.93
N ASP A 627 8.97 -8.44 -20.87
CA ASP A 627 8.84 -9.90 -20.74
C ASP A 627 8.90 -10.67 -22.08
N ASP A 628 7.86 -10.54 -22.90
CA ASP A 628 7.55 -11.37 -24.08
C ASP A 628 6.87 -10.55 -25.19
N LEU A 629 6.03 -9.59 -24.82
CA LEU A 629 5.29 -8.67 -25.68
C LEU A 629 5.60 -7.22 -25.26
N ASP A 630 6.65 -6.65 -25.83
CA ASP A 630 7.26 -5.38 -25.39
C ASP A 630 6.46 -4.11 -25.74
N THR A 631 5.47 -4.16 -26.63
CA THR A 631 4.58 -3.03 -26.94
C THR A 631 3.43 -2.90 -25.94
N SER A 632 2.80 -4.00 -25.52
CA SER A 632 1.55 -3.99 -24.75
C SER A 632 1.72 -3.81 -23.24
N ASN A 633 2.93 -3.89 -22.70
CA ASN A 633 3.26 -3.45 -21.33
C ASN A 633 4.50 -2.53 -21.35
N GLU A 634 4.49 -1.46 -20.55
CA GLU A 634 5.65 -0.57 -20.40
C GLU A 634 6.89 -1.37 -19.91
N PRO A 635 8.07 -1.24 -20.50
CA PRO A 635 9.31 -1.73 -19.91
C PRO A 635 9.51 -1.15 -18.51
N ARG A 636 9.82 -1.95 -17.49
CA ARG A 636 9.93 -1.42 -16.11
C ARG A 636 11.13 -0.49 -15.94
N LYS A 637 11.20 0.27 -14.85
CA LYS A 637 12.29 1.19 -14.49
C LYS A 637 12.54 1.11 -12.99
N ILE A 638 13.71 1.49 -12.48
CA ILE A 638 14.01 1.52 -11.03
C ILE A 638 14.52 2.89 -10.59
N THR A 639 14.47 3.17 -9.29
CA THR A 639 14.75 4.49 -8.70
C THR A 639 15.86 4.49 -7.67
N GLU A 640 16.10 3.38 -6.98
CA GLU A 640 17.21 3.22 -6.06
C GLU A 640 17.95 1.92 -6.32
N LEU A 641 19.26 1.94 -6.16
CA LEU A 641 20.14 0.80 -6.39
C LEU A 641 21.25 0.79 -5.34
N THR A 642 21.29 -0.21 -4.46
CA THR A 642 22.40 -0.36 -3.50
C THR A 642 23.33 -1.47 -3.96
N LEU A 643 24.65 -1.25 -4.00
CA LEU A 643 25.62 -2.21 -4.51
C LEU A 643 26.58 -2.67 -3.41
N TYR A 644 27.04 -3.92 -3.46
CA TYR A 644 27.99 -4.39 -2.45
C TYR A 644 29.34 -3.68 -2.61
N ASN A 645 29.91 -3.19 -1.50
CA ASN A 645 31.25 -2.62 -1.46
C ASN A 645 31.84 -2.63 -0.03
N ASN A 646 33.18 -2.59 0.10
CA ASN A 646 33.89 -2.80 1.36
C ASN A 646 35.07 -1.82 1.61
N GLU A 647 35.93 -1.57 0.63
CA GLU A 647 37.08 -0.67 0.73
C GLU A 647 36.68 0.80 0.43
N SER A 648 37.61 1.74 0.60
CA SER A 648 37.47 3.18 0.39
C SER A 648 37.17 3.58 -1.06
N TYR A 649 37.36 2.69 -2.03
CA TYR A 649 36.97 2.84 -3.43
C TYR A 649 35.90 1.81 -3.81
N PHE A 650 35.39 1.88 -5.04
CA PHE A 650 34.58 0.83 -5.65
C PHE A 650 35.14 0.51 -7.03
N GLU A 651 35.35 -0.77 -7.32
CA GLU A 651 36.05 -1.25 -8.52
C GLU A 651 35.12 -1.98 -9.49
N ILE A 652 35.04 -1.52 -10.74
CA ILE A 652 33.97 -1.93 -11.67
C ILE A 652 34.45 -2.63 -12.96
N SER A 653 35.73 -2.50 -13.33
CA SER A 653 36.28 -3.14 -14.54
C SER A 653 35.53 -2.73 -15.83
N SER A 654 35.28 -3.65 -16.74
CA SER A 654 34.86 -3.38 -18.13
C SER A 654 33.46 -3.91 -18.51
N ASP A 655 32.59 -4.21 -17.55
CA ASP A 655 31.17 -4.48 -17.86
C ASP A 655 30.37 -3.23 -18.27
N GLU A 656 30.97 -2.04 -18.15
CA GLU A 656 30.36 -0.74 -18.48
C GLU A 656 29.93 -0.58 -19.95
N LEU A 657 30.39 -1.45 -20.86
CA LEU A 657 29.92 -1.44 -22.25
C LEU A 657 28.53 -2.08 -22.43
N ASN A 658 28.13 -3.02 -21.56
CA ASN A 658 26.91 -3.82 -21.70
C ASN A 658 25.93 -3.64 -20.52
N GLU A 659 26.36 -2.97 -19.45
CA GLU A 659 25.52 -2.47 -18.37
C GLU A 659 24.41 -1.53 -18.89
N ALA A 660 23.26 -1.58 -18.23
CA ALA A 660 22.07 -0.84 -18.64
C ALA A 660 21.95 0.56 -18.04
N ASN A 661 21.71 1.56 -18.90
CA ASN A 661 21.28 2.90 -18.50
C ASN A 661 19.75 3.04 -18.43
N LEU A 662 19.02 2.68 -19.50
CA LEU A 662 17.59 2.98 -19.64
C LEU A 662 16.71 2.29 -18.58
N GLN A 663 17.25 1.31 -17.85
CA GLN A 663 16.62 0.74 -16.67
C GLN A 663 16.54 1.67 -15.45
N HIS A 664 17.39 2.68 -15.37
CA HIS A 664 17.64 3.40 -14.13
C HIS A 664 16.89 4.73 -13.98
N LEU A 665 16.24 5.24 -15.04
CA LEU A 665 15.71 6.60 -15.05
C LEU A 665 14.42 6.67 -14.19
N SER A 666 14.37 7.58 -13.22
CA SER A 666 13.38 7.52 -12.13
C SER A 666 11.96 7.77 -12.57
N THR A 667 11.23 6.70 -12.87
CA THR A 667 9.84 6.67 -13.41
C THR A 667 9.64 7.78 -14.48
N GLY A 668 10.68 8.01 -15.29
CA GLY A 668 10.93 9.30 -15.94
C GLY A 668 10.03 9.70 -17.11
N GLU A 669 9.35 10.83 -16.97
CA GLU A 669 8.69 11.62 -18.04
C GLU A 669 9.49 12.87 -18.47
N GLY A 670 10.76 12.98 -18.06
CA GLY A 670 11.48 14.25 -17.91
C GLY A 670 11.48 14.73 -16.46
N ASN A 671 11.67 13.80 -15.53
CA ASN A 671 11.43 14.00 -14.09
C ASN A 671 12.48 14.94 -13.46
N PRO A 672 12.08 15.97 -12.70
CA PRO A 672 12.98 16.84 -11.95
C PRO A 672 13.96 16.13 -11.00
N GLU A 673 13.54 15.07 -10.32
CA GLU A 673 14.38 14.38 -9.32
C GLU A 673 15.44 13.47 -9.97
N LYS A 674 16.30 12.84 -9.16
CA LYS A 674 17.31 11.90 -9.64
C LYS A 674 17.21 10.54 -8.93
N PRO A 675 17.53 9.43 -9.61
CA PRO A 675 17.77 8.15 -8.98
C PRO A 675 18.78 8.25 -7.83
N LYS A 676 18.89 7.22 -6.99
CA LYS A 676 19.96 7.11 -6.00
C LYS A 676 20.74 5.81 -6.18
N ILE A 677 22.07 5.88 -6.15
CA ILE A 677 22.98 4.74 -6.01
C ILE A 677 23.66 4.80 -4.64
N HIS A 678 23.70 3.70 -3.91
CA HIS A 678 24.30 3.60 -2.57
C HIS A 678 25.31 2.45 -2.49
N PHE A 679 26.06 2.40 -1.39
CA PHE A 679 27.01 1.32 -1.12
C PHE A 679 26.94 0.83 0.32
N SER A 680 27.20 -0.46 0.52
CA SER A 680 27.10 -1.12 1.83
C SER A 680 27.92 -0.47 2.96
N ASN A 681 29.04 0.19 2.61
CA ASN A 681 29.94 0.84 3.57
C ASN A 681 29.80 2.37 3.67
N GLY A 682 29.00 3.01 2.82
CA GLY A 682 28.53 4.41 2.97
C GLY A 682 29.56 5.55 3.00
N ASN A 683 30.82 5.31 2.61
CA ASN A 683 31.89 6.32 2.71
C ASN A 683 32.98 6.25 1.61
N ASN A 684 32.80 5.43 0.58
CA ASN A 684 33.82 5.05 -0.40
C ASN A 684 34.13 6.12 -1.47
N THR A 685 34.41 7.35 -1.05
CA THR A 685 34.55 8.50 -1.94
C THR A 685 35.73 8.46 -2.91
N THR A 686 36.72 7.59 -2.73
CA THR A 686 38.06 7.77 -3.34
C THR A 686 38.02 7.91 -4.87
N SER A 687 37.44 6.93 -5.57
CA SER A 687 37.15 6.96 -7.02
C SER A 687 36.37 5.71 -7.44
N ILE A 688 35.74 5.77 -8.61
CA ILE A 688 35.46 4.56 -9.40
C ILE A 688 36.80 4.04 -9.93
N ARG A 689 37.18 2.79 -9.64
CA ARG A 689 38.39 2.18 -10.21
C ARG A 689 38.05 1.28 -11.39
N ILE A 690 38.88 1.31 -12.43
CA ILE A 690 38.61 0.70 -13.73
C ILE A 690 39.79 -0.17 -14.16
N SER A 691 39.53 -1.36 -14.73
CA SER A 691 40.53 -2.36 -15.09
C SER A 691 40.27 -2.99 -16.48
N GLY A 692 41.18 -3.83 -16.98
CA GLY A 692 41.09 -4.48 -18.30
C GLY A 692 41.64 -3.65 -19.46
N LYS A 693 41.89 -4.29 -20.61
CA LYS A 693 42.44 -3.65 -21.83
C LYS A 693 41.43 -2.74 -22.55
N THR A 694 40.13 -3.03 -22.49
CA THR A 694 39.10 -2.48 -23.40
C THR A 694 38.96 -0.96 -23.35
N LEU A 695 38.94 -0.31 -24.52
CA LEU A 695 38.64 1.11 -24.71
C LEU A 695 37.12 1.36 -24.75
N LEU A 696 36.64 2.35 -24.01
CA LEU A 696 35.22 2.60 -23.77
C LEU A 696 34.50 3.32 -24.92
N SER A 697 33.42 2.72 -25.39
CA SER A 697 32.54 3.25 -26.44
C SER A 697 31.66 4.43 -25.97
N ASP A 698 30.87 5.00 -26.87
CA ASP A 698 29.90 6.07 -26.57
C ASP A 698 29.00 5.74 -25.37
N GLU A 699 28.34 4.57 -25.42
CA GLU A 699 27.52 4.03 -24.33
C GLU A 699 28.33 3.79 -23.04
N GLY A 700 29.62 3.48 -23.17
CA GLY A 700 30.55 3.36 -22.05
C GLY A 700 30.70 4.66 -21.27
N ARG A 701 30.79 5.82 -21.95
CA ARG A 701 30.81 7.12 -21.27
C ARG A 701 29.48 7.43 -20.57
N ARG A 702 28.34 7.06 -21.17
CA ARG A 702 27.00 7.23 -20.57
C ARG A 702 26.92 6.48 -19.24
N ASN A 703 27.22 5.18 -19.22
CA ASN A 703 27.17 4.38 -18.00
C ASN A 703 28.19 4.82 -16.94
N LEU A 704 29.36 5.29 -17.36
CA LEU A 704 30.41 5.81 -16.48
C LEU A 704 29.99 7.08 -15.74
N ASP A 705 29.21 7.95 -16.38
CA ASP A 705 28.70 9.19 -15.77
C ASP A 705 27.60 8.91 -14.74
N LYS A 706 26.78 7.88 -14.99
CA LYS A 706 25.69 7.49 -14.07
C LYS A 706 26.18 7.03 -12.70
N TYR A 707 27.43 6.58 -12.57
CA TYR A 707 28.04 6.27 -11.26
C TYR A 707 28.42 7.50 -10.42
N PHE A 708 28.36 8.72 -10.96
CA PHE A 708 28.51 9.95 -10.19
C PHE A 708 27.19 10.73 -10.16
N GLU A 709 26.52 10.85 -11.31
CA GLU A 709 25.27 11.61 -11.49
C GLU A 709 24.19 11.24 -10.48
N TYR A 710 24.11 9.97 -10.09
CA TYR A 710 23.13 9.41 -9.16
C TYR A 710 23.68 9.05 -7.78
N ASN A 711 24.93 9.41 -7.45
CA ASN A 711 25.66 8.75 -6.37
C ASN A 711 26.10 9.72 -5.27
N GLU A 712 25.22 10.01 -4.31
CA GLU A 712 25.44 11.06 -3.30
C GLU A 712 26.69 10.86 -2.45
N SER A 713 27.13 9.61 -2.27
CA SER A 713 28.36 9.22 -1.57
C SER A 713 29.66 9.56 -2.34
N LEU A 714 29.57 9.95 -3.60
CA LEU A 714 30.70 9.96 -4.54
C LEU A 714 30.75 11.20 -5.45
N ARG A 715 29.84 12.17 -5.32
CA ARG A 715 29.85 13.46 -6.04
C ARG A 715 30.92 14.45 -5.52
N ASN A 716 32.16 13.97 -5.41
CA ASN A 716 33.35 14.76 -5.12
C ASN A 716 34.26 14.80 -6.37
N SER A 717 33.83 15.58 -7.38
CA SER A 717 34.52 15.94 -8.63
C SER A 717 34.78 14.83 -9.65
N GLY A 718 34.01 13.74 -9.68
CA GLY A 718 34.00 12.80 -10.82
C GLY A 718 35.29 11.99 -11.04
N LYS A 719 36.02 11.68 -9.96
CA LYS A 719 37.36 11.07 -9.97
C LYS A 719 37.32 9.58 -10.36
N GLN A 720 38.16 9.17 -11.30
CA GLN A 720 38.23 7.81 -11.85
C GLN A 720 39.68 7.33 -11.88
N ILE A 721 39.97 6.18 -11.27
CA ILE A 721 41.31 5.59 -11.23
C ILE A 721 41.36 4.40 -12.20
N GLN A 722 41.76 4.66 -13.44
CA GLN A 722 42.16 3.64 -14.39
C GLN A 722 43.45 2.98 -13.87
N ILE A 723 43.56 1.65 -13.84
CA ILE A 723 44.82 0.97 -13.46
C ILE A 723 45.98 1.37 -14.41
N PRO A 724 47.25 1.29 -13.98
CA PRO A 724 48.41 1.72 -14.79
C PRO A 724 48.60 1.07 -16.16
N ASN A 725 47.99 -0.11 -16.38
CA ASN A 725 47.99 -0.86 -17.64
C ASN A 725 47.17 -0.15 -18.73
N GLY A 726 47.44 -0.42 -20.01
CA GLY A 726 46.66 0.12 -21.14
C GLY A 726 46.92 1.59 -21.48
N SER A 727 46.03 2.18 -22.29
CA SER A 727 46.28 3.41 -23.05
C SER A 727 46.24 4.74 -22.27
N ASP A 728 45.56 4.82 -21.12
CA ASP A 728 45.28 6.09 -20.41
C ASP A 728 44.61 7.14 -21.32
N GLU A 729 43.67 6.70 -22.16
CA GLU A 729 43.11 7.41 -23.32
C GLU A 729 42.29 8.68 -23.00
N LEU A 730 41.77 8.81 -21.77
CA LEU A 730 40.95 9.92 -21.30
C LEU A 730 41.77 11.17 -20.88
N LYS A 731 41.05 12.29 -20.69
CA LYS A 731 41.52 13.55 -20.11
C LYS A 731 41.39 13.59 -18.58
N LYS A 732 40.14 13.60 -18.08
CA LYS A 732 39.76 13.68 -16.64
C LYS A 732 39.89 12.34 -15.87
N GLN A 733 41.06 11.67 -15.88
CA GLN A 733 41.27 10.41 -15.11
C GLN A 733 42.67 10.28 -14.50
N LEU A 734 42.79 9.51 -13.41
CA LEU A 734 43.94 9.50 -12.47
C LEU A 734 44.97 8.38 -12.72
N GLU A 735 46.01 8.31 -11.89
CA GLU A 735 47.27 7.57 -12.16
C GLU A 735 47.15 6.04 -12.10
N GLY A 736 46.53 5.50 -11.04
CA GLY A 736 46.47 4.06 -10.76
C GLY A 736 46.79 3.65 -9.31
N TRP A 737 47.65 4.42 -8.62
CA TRP A 737 47.86 4.33 -7.16
C TRP A 737 46.61 4.80 -6.39
N GLY A 738 46.37 4.27 -5.20
CA GLY A 738 45.13 4.50 -4.42
C GLY A 738 45.21 4.36 -2.89
N TYR A 739 46.40 4.40 -2.29
CA TYR A 739 46.58 4.29 -0.84
C TYR A 739 45.95 5.48 -0.06
N LYS A 740 45.18 5.19 0.99
CA LYS A 740 44.57 6.19 1.89
C LYS A 740 45.64 6.88 2.75
N VAL A 741 45.67 8.21 2.76
CA VAL A 741 46.52 8.97 3.70
C VAL A 741 46.07 8.82 5.16
#